data_4YGQ
#
_entry.id   4YGQ
#
_cell.length_a   121.193
_cell.length_b   62.991
_cell.length_c   37.541
_cell.angle_alpha   90.00
_cell.angle_beta   106.50
_cell.angle_gamma   90.00
#
_symmetry.space_group_name_H-M   'C 1 2 1'
#
loop_
_entity.id
_entity.type
_entity.pdbx_description
1 polymer Hydrolase
2 non-polymer 'TERTIARY-BUTYL ALCOHOL'
3 water water
#
_entity_poly.entity_id   1
_entity_poly.type   'polypeptide(L)'
_entity_poly.pdbx_seq_one_letter_code
;MKAVLFDIDGTILTEEPLIMLFLPQVYDKLSRKLGISKDEARERFLSEILGRRDSYDWHDWNFFFKLFDLDLKYEELLER
YPHKLQVYPDTIPTLEWLRDTGYKLGIVTSGPKYQRLKLKLTGLLDYFDVVITRDDVNAIKPEPKIFLYTIERLGVEPGE
AVMVGDSLSQDVYGAKSVGMTAVWINRNGDRGYNMADYEIRTLYELRKILGGERVDKLAAALEHHHHHH
;
_entity_poly.pdbx_strand_id   A
#
loop_
_chem_comp.id
_chem_comp.type
_chem_comp.name
_chem_comp.formula
TBU non-polymer 'TERTIARY-BUTYL ALCOHOL' 'C4 H10 O'
#
# COMPACT_ATOMS: atom_id res chain seq x y z
N MET A 1 -20.57 -9.11 6.31
CA MET A 1 -19.63 -7.99 6.19
C MET A 1 -20.26 -6.83 5.43
N LYS A 2 -19.82 -5.62 5.74
CA LYS A 2 -20.36 -4.44 5.09
C LYS A 2 -19.27 -3.71 4.32
N ALA A 3 -18.02 -3.88 4.72
CA ALA A 3 -16.93 -3.15 4.09
C ALA A 3 -15.66 -3.98 3.92
N VAL A 4 -14.96 -3.71 2.83
CA VAL A 4 -13.66 -4.28 2.56
C VAL A 4 -12.63 -3.16 2.41
N LEU A 5 -11.56 -3.26 3.19
CA LEU A 5 -10.50 -2.27 3.20
C LEU A 5 -9.25 -2.85 2.59
N PHE A 6 -8.49 -2.02 1.89
CA PHE A 6 -7.36 -2.49 1.11
C PHE A 6 -6.08 -1.71 1.40
N ASP A 7 -4.96 -2.42 1.41
CA ASP A 7 -3.66 -1.79 1.23
C ASP A 7 -3.49 -1.47 -0.25
N ILE A 8 -2.50 -0.64 -0.57
CA ILE A 8 -2.25 -0.29 -1.97
C ILE A 8 -1.12 -1.12 -2.59
N ASP A 9 0.12 -0.80 -2.21
CA ASP A 9 1.30 -1.35 -2.87
C ASP A 9 1.49 -2.83 -2.60
N GLY A 10 1.43 -3.63 -3.67
CA GLY A 10 1.56 -5.07 -3.54
C GLY A 10 0.20 -5.74 -3.45
N THR A 11 -0.81 -4.95 -3.14
CA THR A 11 -2.17 -5.47 -3.01
C THR A 11 -3.07 -5.17 -4.21
N ILE A 12 -3.21 -3.90 -4.59
CA ILE A 12 -4.02 -3.58 -5.77
C ILE A 12 -3.19 -3.08 -6.94
N LEU A 13 -2.00 -2.56 -6.65
CA LEU A 13 -1.09 -2.14 -7.70
C LEU A 13 0.34 -2.34 -7.23
N THR A 14 1.27 -2.25 -8.17
CA THR A 14 2.68 -2.19 -7.82
C THR A 14 3.35 -0.99 -8.47
N GLU A 15 4.27 -0.36 -7.76
CA GLU A 15 5.03 0.76 -8.29
C GLU A 15 6.44 0.31 -8.68
N GLU A 16 6.66 -1.00 -8.67
CA GLU A 16 7.99 -1.53 -8.97
C GLU A 16 8.58 -1.09 -10.33
N PRO A 17 7.77 -1.05 -11.41
CA PRO A 17 8.41 -0.56 -12.63
C PRO A 17 8.88 0.90 -12.53
N LEU A 18 8.15 1.73 -11.78
CA LEU A 18 8.54 3.11 -11.62
C LEU A 18 9.82 3.18 -10.80
N ILE A 19 9.91 2.36 -9.76
CA ILE A 19 11.09 2.27 -8.92
C ILE A 19 12.32 1.88 -9.72
N MET A 20 12.20 0.88 -10.58
CA MET A 20 13.30 0.43 -11.41
CA MET A 20 13.35 0.45 -11.36
C MET A 20 13.73 1.52 -12.37
N LEU A 21 12.78 2.40 -12.70
CA LEU A 21 13.08 3.53 -13.59
C LEU A 21 13.80 4.65 -12.85
N PHE A 22 13.31 5.09 -11.69
CA PHE A 22 13.91 6.29 -11.09
C PHE A 22 15.16 6.03 -10.25
N LEU A 23 15.32 4.83 -9.66
CA LEU A 23 16.50 4.58 -8.81
C LEU A 23 17.85 4.90 -9.48
N PRO A 24 18.04 4.50 -10.76
CA PRO A 24 19.31 4.88 -11.39
C PRO A 24 19.52 6.39 -11.46
N GLN A 25 18.42 7.13 -11.55
CA GLN A 25 18.49 8.58 -11.60
C GLN A 25 18.87 9.11 -10.21
N VAL A 26 18.33 8.48 -9.16
CA VAL A 26 18.74 8.82 -7.80
C VAL A 26 20.25 8.59 -7.60
N TYR A 27 20.72 7.43 -8.06
CA TYR A 27 22.14 7.07 -7.88
C TYR A 27 23.04 8.04 -8.66
N ASP A 28 22.55 8.48 -9.81
CA ASP A 28 23.25 9.47 -10.65
C ASP A 28 23.37 10.80 -9.90
N LYS A 29 22.24 11.31 -9.43
CA LYS A 29 22.21 12.59 -8.73
C LYS A 29 22.99 12.51 -7.43
N LEU A 30 22.91 11.38 -6.75
CA LEU A 30 23.69 11.17 -5.53
C LEU A 30 25.19 11.18 -5.82
N SER A 31 25.56 10.52 -6.91
CA SER A 31 26.96 10.44 -7.34
C SER A 31 27.51 11.82 -7.64
N ARG A 32 26.69 12.64 -8.29
CA ARG A 32 27.08 14.01 -8.64
C ARG A 32 27.27 14.87 -7.41
N LYS A 33 26.32 14.79 -6.49
CA LYS A 33 26.31 15.66 -5.31
C LYS A 33 27.42 15.30 -4.33
N LEU A 34 27.59 14.01 -4.07
CA LEU A 34 28.51 13.56 -3.01
C LEU A 34 29.90 13.22 -3.52
N GLY A 35 30.10 13.23 -4.83
CA GLY A 35 31.41 12.90 -5.38
C GLY A 35 31.83 11.48 -5.07
N ILE A 36 30.92 10.54 -5.28
CA ILE A 36 31.18 9.11 -5.12
C ILE A 36 30.68 8.40 -6.36
N SER A 37 31.07 7.14 -6.53
CA SER A 37 30.58 6.35 -7.66
C SER A 37 29.08 6.09 -7.59
N LYS A 38 28.51 5.60 -8.68
CA LYS A 38 27.09 5.31 -8.70
C LYS A 38 26.82 4.03 -7.91
N ASP A 39 27.82 3.14 -7.84
CA ASP A 39 27.74 1.94 -7.01
C ASP A 39 27.72 2.28 -5.52
N GLU A 40 28.58 3.21 -5.12
CA GLU A 40 28.63 3.63 -3.71
C GLU A 40 27.36 4.40 -3.32
N ALA A 41 26.85 5.19 -4.25
CA ALA A 41 25.61 5.94 -4.05
C ALA A 41 24.42 5.00 -3.82
N ARG A 42 24.35 3.96 -4.62
CA ARG A 42 23.35 2.91 -4.45
C ARG A 42 23.46 2.28 -3.06
N GLU A 43 24.69 1.97 -2.64
CA GLU A 43 24.92 1.34 -1.34
CA GLU A 43 24.88 1.32 -1.34
C GLU A 43 24.39 2.20 -0.19
N ARG A 44 24.72 3.49 -0.23
CA ARG A 44 24.32 4.42 0.82
C ARG A 44 22.81 4.62 0.90
N PHE A 45 22.20 4.75 -0.27
CA PHE A 45 20.77 5.00 -0.38
C PHE A 45 19.98 3.80 0.14
N LEU A 46 20.29 2.62 -0.38
CA LEU A 46 19.60 1.39 0.02
C LEU A 46 19.84 1.09 1.50
N SER A 47 21.06 1.38 1.98
CA SER A 47 21.40 1.29 3.40
C SER A 47 20.47 2.10 4.30
N GLU A 48 20.27 3.37 3.95
CA GLU A 48 19.40 4.25 4.71
C GLU A 48 17.97 3.76 4.73
N ILE A 49 17.46 3.30 3.58
CA ILE A 49 16.13 2.73 3.53
C ILE A 49 16.03 1.53 4.49
N LEU A 50 16.97 0.61 4.36
CA LEU A 50 17.00 -0.58 5.21
C LEU A 50 17.12 -0.20 6.68
N GLY A 51 17.91 0.84 6.96
CA GLY A 51 18.08 1.31 8.32
C GLY A 51 16.84 1.93 8.95
N ARG A 52 15.88 2.35 8.13
CA ARG A 52 14.67 2.98 8.65
C ARG A 52 13.47 2.05 8.69
N ARG A 53 13.68 0.77 8.38
CA ARG A 53 12.59 -0.19 8.30
C ARG A 53 11.72 -0.16 9.54
N ASP A 54 10.42 -0.32 9.33
CA ASP A 54 9.39 -0.27 10.37
C ASP A 54 9.19 1.10 11.01
N SER A 55 9.94 2.12 10.58
CA SER A 55 9.71 3.46 11.15
C SER A 55 8.68 4.26 10.32
N TYR A 56 8.25 5.36 10.90
CA TYR A 56 7.25 6.23 10.32
C TYR A 56 7.62 6.71 8.92
N ASP A 57 8.91 6.96 8.70
CA ASP A 57 9.40 7.56 7.45
C ASP A 57 9.75 6.53 6.39
N TRP A 58 9.80 5.27 6.80
CA TRP A 58 10.14 4.17 5.92
C TRP A 58 9.30 4.16 4.65
N HIS A 59 8.03 4.55 4.80
CA HIS A 59 7.04 4.41 3.72
C HIS A 59 6.91 5.65 2.82
N ASP A 60 7.85 6.59 2.93
CA ASP A 60 7.76 7.89 2.26
C ASP A 60 8.98 8.14 1.39
N TRP A 61 8.83 8.02 0.07
CA TRP A 61 9.96 8.28 -0.83
C TRP A 61 10.53 9.71 -0.67
N ASN A 62 9.68 10.68 -0.36
CA ASN A 62 10.13 12.07 -0.19
C ASN A 62 11.01 12.27 1.04
N PHE A 63 10.83 11.42 2.05
CA PHE A 63 11.72 11.44 3.21
C PHE A 63 13.15 11.15 2.79
N PHE A 64 13.32 10.16 1.92
CA PHE A 64 14.67 9.76 1.51
C PHE A 64 15.25 10.75 0.51
N PHE A 65 14.41 11.30 -0.35
CA PHE A 65 14.89 12.34 -1.26
C PHE A 65 15.42 13.52 -0.46
N LYS A 66 14.66 13.92 0.56
CA LYS A 66 15.03 15.07 1.38
C LYS A 66 16.22 14.75 2.29
N LEU A 67 16.31 13.50 2.76
CA LEU A 67 17.44 13.07 3.58
C LEU A 67 18.77 13.31 2.86
N PHE A 68 18.76 13.09 1.54
CA PHE A 68 19.98 13.20 0.77
C PHE A 68 20.06 14.53 0.03
N ASP A 69 19.17 15.44 0.39
CA ASP A 69 19.11 16.79 -0.16
C ASP A 69 19.01 16.78 -1.69
N LEU A 70 18.19 15.86 -2.20
CA LEU A 70 17.97 15.76 -3.64
C LEU A 70 16.81 16.65 -4.06
N ASP A 71 16.90 17.18 -5.29
CA ASP A 71 15.80 17.91 -5.91
C ASP A 71 14.96 16.91 -6.71
N LEU A 72 14.17 16.14 -5.98
CA LEU A 72 13.33 15.11 -6.54
C LEU A 72 12.08 15.07 -5.66
N LYS A 73 10.91 15.07 -6.28
CA LYS A 73 9.65 14.97 -5.55
C LYS A 73 8.87 13.82 -6.14
N TYR A 74 8.43 12.89 -5.29
CA TYR A 74 7.84 11.66 -5.79
C TYR A 74 6.56 11.98 -6.57
N GLU A 75 5.81 12.98 -6.11
CA GLU A 75 4.57 13.38 -6.78
C GLU A 75 4.83 13.76 -8.24
N GLU A 76 5.98 14.40 -8.49
CA GLU A 76 6.39 14.78 -9.84
C GLU A 76 6.81 13.57 -10.66
N LEU A 77 7.47 12.61 -10.01
CA LEU A 77 7.82 11.37 -10.68
C LEU A 77 6.56 10.62 -11.09
N LEU A 78 5.60 10.56 -10.18
CA LEU A 78 4.31 9.94 -10.43
C LEU A 78 3.58 10.59 -11.62
N GLU A 79 3.46 11.92 -11.59
CA GLU A 79 2.77 12.66 -12.67
C GLU A 79 3.46 12.46 -14.00
N ARG A 80 4.79 12.44 -13.94
CA ARG A 80 5.62 12.30 -15.13
C ARG A 80 5.57 10.90 -15.73
N TYR A 81 5.48 9.86 -14.89
CA TYR A 81 5.53 8.49 -15.40
C TYR A 81 4.37 7.59 -14.95
N PRO A 82 3.12 8.04 -15.12
CA PRO A 82 2.01 7.30 -14.49
C PRO A 82 1.81 5.88 -15.04
N HIS A 83 2.37 5.60 -16.21
CA HIS A 83 2.21 4.27 -16.84
C HIS A 83 3.14 3.24 -16.20
N LYS A 84 4.06 3.71 -15.37
CA LYS A 84 4.99 2.81 -14.69
C LYS A 84 4.35 2.25 -13.41
N LEU A 85 3.16 2.75 -13.10
CA LEU A 85 2.30 2.16 -12.08
C LEU A 85 1.49 1.04 -12.71
N GLN A 86 1.59 -0.17 -12.17
CA GLN A 86 0.93 -1.33 -12.76
C GLN A 86 -0.17 -1.88 -11.88
N VAL A 87 -1.40 -1.86 -12.38
CA VAL A 87 -2.53 -2.45 -11.68
C VAL A 87 -2.57 -3.97 -11.88
N TYR A 88 -2.74 -4.73 -10.79
CA TYR A 88 -2.85 -6.19 -10.93
C TYR A 88 -4.11 -6.55 -11.71
N PRO A 89 -4.02 -7.58 -12.57
CA PRO A 89 -5.16 -8.01 -13.39
C PRO A 89 -6.41 -8.35 -12.57
N ASP A 90 -6.23 -8.82 -11.33
CA ASP A 90 -7.38 -9.21 -10.52
C ASP A 90 -8.05 -8.04 -9.77
N THR A 91 -7.42 -6.86 -9.79
CA THR A 91 -7.93 -5.72 -9.02
C THR A 91 -9.29 -5.17 -9.46
N ILE A 92 -9.39 -4.70 -10.70
CA ILE A 92 -10.60 -4.03 -11.14
C ILE A 92 -11.84 -4.96 -11.18
N PRO A 93 -11.70 -6.22 -11.67
CA PRO A 93 -12.85 -7.12 -11.56
C PRO A 93 -13.34 -7.33 -10.13
N THR A 94 -12.43 -7.31 -9.16
CA THR A 94 -12.82 -7.48 -7.76
C THR A 94 -13.46 -6.22 -7.18
N LEU A 95 -12.86 -5.07 -7.46
CA LEU A 95 -13.43 -3.80 -6.98
C LEU A 95 -14.86 -3.60 -7.55
N GLU A 96 -15.04 -3.86 -8.86
CA GLU A 96 -16.36 -3.79 -9.52
C GLU A 96 -17.36 -4.74 -8.86
N TRP A 97 -16.91 -5.94 -8.55
CA TRP A 97 -17.79 -6.94 -7.96
C TRP A 97 -18.19 -6.56 -6.55
N LEU A 98 -17.24 -6.08 -5.76
CA LEU A 98 -17.53 -5.62 -4.41
C LEU A 98 -18.47 -4.42 -4.43
N ARG A 99 -18.22 -3.49 -5.34
CA ARG A 99 -19.08 -2.32 -5.44
C ARG A 99 -20.50 -2.75 -5.82
N ASP A 100 -20.60 -3.63 -6.82
CA ASP A 100 -21.90 -4.10 -7.30
C ASP A 100 -22.66 -4.89 -6.23
N THR A 101 -21.93 -5.57 -5.35
CA THR A 101 -22.56 -6.44 -4.35
C THR A 101 -22.94 -5.66 -3.07
N GLY A 102 -22.52 -4.40 -2.98
CA GLY A 102 -23.00 -3.50 -1.95
C GLY A 102 -22.02 -3.17 -0.85
N TYR A 103 -20.79 -3.64 -0.98
CA TYR A 103 -19.75 -3.36 -0.01
C TYR A 103 -19.28 -1.91 -0.05
N LYS A 104 -19.07 -1.31 1.12
CA LYS A 104 -18.30 -0.07 1.21
C LYS A 104 -16.83 -0.39 0.97
N LEU A 105 -16.10 0.52 0.32
CA LEU A 105 -14.72 0.24 -0.05
C LEU A 105 -13.77 1.31 0.49
N GLY A 106 -12.74 0.86 1.22
CA GLY A 106 -11.75 1.73 1.81
C GLY A 106 -10.31 1.38 1.45
N ILE A 107 -9.45 2.39 1.54
CA ILE A 107 -7.99 2.24 1.47
C ILE A 107 -7.39 2.58 2.83
N VAL A 108 -6.48 1.73 3.30
CA VAL A 108 -5.69 2.02 4.49
C VAL A 108 -4.22 1.79 4.15
N THR A 109 -3.44 2.86 4.10
CA THR A 109 -2.05 2.74 3.69
C THR A 109 -1.13 3.57 4.60
N SER A 110 0.05 3.02 4.88
CA SER A 110 1.08 3.69 5.66
C SER A 110 1.88 4.69 4.83
N GLY A 111 1.66 4.66 3.51
CA GLY A 111 2.28 5.62 2.62
C GLY A 111 1.70 7.00 2.85
N PRO A 112 2.38 8.03 2.32
CA PRO A 112 1.92 9.42 2.56
C PRO A 112 0.83 9.83 1.56
N LYS A 113 0.56 11.13 1.47
CA LYS A 113 -0.57 11.62 0.70
C LYS A 113 -0.46 11.33 -0.80
N TYR A 114 0.76 11.20 -1.32
CA TYR A 114 0.89 10.91 -2.75
C TYR A 114 0.30 9.53 -3.10
N GLN A 115 -0.02 8.72 -2.09
CA GLN A 115 -0.71 7.44 -2.33
C GLN A 115 -2.04 7.66 -3.05
N ARG A 116 -2.73 8.75 -2.69
CA ARG A 116 -4.03 9.09 -3.28
C ARG A 116 -3.87 9.48 -4.75
N LEU A 117 -2.75 10.14 -5.06
CA LEU A 117 -2.40 10.49 -6.43
C LEU A 117 -2.14 9.23 -7.25
N LYS A 118 -1.51 8.23 -6.64
CA LYS A 118 -1.30 6.94 -7.31
C LYS A 118 -2.62 6.31 -7.73
N LEU A 119 -3.62 6.38 -6.84
CA LEU A 119 -4.93 5.83 -7.17
C LEU A 119 -5.60 6.63 -8.31
N LYS A 120 -5.43 7.95 -8.31
CA LYS A 120 -6.03 8.79 -9.35
C LYS A 120 -5.40 8.49 -10.71
N LEU A 121 -4.08 8.39 -10.72
CA LEU A 121 -3.35 8.15 -11.97
C LEU A 121 -3.57 6.74 -12.54
N THR A 122 -4.04 5.81 -11.72
CA THR A 122 -4.31 4.45 -12.20
C THR A 122 -5.79 4.23 -12.41
N GLY A 123 -6.60 5.26 -12.18
CA GLY A 123 -8.04 5.17 -12.36
C GLY A 123 -8.75 4.33 -11.32
N LEU A 124 -8.16 4.20 -10.13
CA LEU A 124 -8.74 3.37 -9.09
C LEU A 124 -9.43 4.19 -8.02
N LEU A 125 -9.13 5.48 -7.96
CA LEU A 125 -9.58 6.34 -6.87
C LEU A 125 -11.09 6.29 -6.66
N ASP A 126 -11.84 6.40 -7.75
CA ASP A 126 -13.29 6.53 -7.70
C ASP A 126 -14.00 5.29 -7.16
N TYR A 127 -13.31 4.15 -7.13
CA TYR A 127 -13.90 2.94 -6.53
C TYR A 127 -14.08 3.04 -5.01
N PHE A 128 -13.33 3.93 -4.36
CA PHE A 128 -13.26 3.90 -2.90
C PHE A 128 -14.07 4.99 -2.21
N ASP A 129 -14.78 4.60 -1.15
CA ASP A 129 -15.59 5.52 -0.36
C ASP A 129 -14.73 6.36 0.56
N VAL A 130 -13.64 5.77 1.05
CA VAL A 130 -12.72 6.46 1.95
C VAL A 130 -11.27 6.05 1.62
N VAL A 131 -10.37 7.03 1.58
CA VAL A 131 -8.96 6.75 1.39
C VAL A 131 -8.18 7.37 2.53
N ILE A 132 -7.59 6.55 3.38
CA ILE A 132 -6.78 7.09 4.47
C ILE A 132 -5.31 6.73 4.30
N THR A 133 -4.47 7.77 4.34
CA THR A 133 -3.02 7.59 4.28
C THR A 133 -2.38 7.99 5.61
N ARG A 134 -1.09 7.73 5.75
CA ARG A 134 -0.34 8.15 6.93
C ARG A 134 -0.52 9.63 7.23
N ASP A 135 -0.58 10.42 6.17
CA ASP A 135 -0.62 11.88 6.32
C ASP A 135 -1.96 12.38 6.86
N ASP A 136 -3.04 11.67 6.59
CA ASP A 136 -4.34 12.03 7.13
C ASP A 136 -4.47 11.86 8.64
N VAL A 137 -3.79 10.86 9.19
CA VAL A 137 -3.96 10.54 10.61
C VAL A 137 -2.67 10.64 11.42
N ASN A 138 -1.55 10.90 10.74
CA ASN A 138 -0.26 10.99 11.41
C ASN A 138 0.01 9.70 12.19
N ALA A 139 -0.12 8.57 11.49
CA ALA A 139 0.09 7.25 12.08
C ALA A 139 0.34 6.27 10.94
N ILE A 140 1.03 5.18 11.24
CA ILE A 140 1.21 4.10 10.27
C ILE A 140 0.56 2.82 10.79
N LYS A 141 0.28 1.87 9.89
CA LYS A 141 -0.14 0.55 10.35
C LYS A 141 1.05 -0.01 11.12
N PRO A 142 0.80 -0.83 12.16
CA PRO A 142 -0.50 -1.35 12.60
C PRO A 142 -1.22 -0.56 13.71
N GLU A 143 -0.82 0.69 13.96
CA GLU A 143 -1.50 1.50 14.97
C GLU A 143 -3.01 1.44 14.78
N PRO A 144 -3.76 1.14 15.85
CA PRO A 144 -5.21 1.01 15.74
C PRO A 144 -5.88 2.22 15.06
N LYS A 145 -5.39 3.42 15.37
CA LYS A 145 -6.03 4.67 14.91
C LYS A 145 -6.26 4.77 13.41
N ILE A 146 -5.32 4.28 12.61
CA ILE A 146 -5.42 4.46 11.17
C ILE A 146 -6.55 3.57 10.62
N PHE A 147 -6.72 2.41 11.23
CA PHE A 147 -7.81 1.51 10.92
C PHE A 147 -9.15 2.04 11.43
N LEU A 148 -9.19 2.41 12.71
CA LEU A 148 -10.42 2.83 13.35
C LEU A 148 -10.98 4.09 12.69
N TYR A 149 -10.10 5.03 12.35
CA TYR A 149 -10.49 6.27 11.68
C TYR A 149 -11.14 5.99 10.33
N THR A 150 -10.61 4.99 9.63
CA THR A 150 -11.14 4.60 8.33
C THR A 150 -12.55 3.99 8.44
N ILE A 151 -12.77 3.07 9.37
CA ILE A 151 -14.08 2.43 9.43
C ILE A 151 -15.11 3.38 10.06
N GLU A 152 -14.62 4.34 10.84
CA GLU A 152 -15.49 5.36 11.40
C GLU A 152 -16.05 6.23 10.27
N ARG A 153 -15.19 6.61 9.34
CA ARG A 153 -15.64 7.39 8.19
C ARG A 153 -16.50 6.56 7.21
N LEU A 154 -16.31 5.25 7.21
CA LEU A 154 -17.12 4.36 6.39
C LEU A 154 -18.48 4.08 7.05
N GLY A 155 -18.59 4.43 8.33
CA GLY A 155 -19.82 4.21 9.08
C GLY A 155 -20.12 2.76 9.36
N VAL A 156 -19.08 1.98 9.66
CA VAL A 156 -19.27 0.57 9.96
C VAL A 156 -18.53 0.18 11.23
N GLU A 157 -18.95 -0.92 11.86
CA GLU A 157 -18.27 -1.45 13.05
C GLU A 157 -17.07 -2.29 12.62
N PRO A 158 -16.05 -2.40 13.48
CA PRO A 158 -14.85 -3.20 13.17
C PRO A 158 -15.18 -4.63 12.73
N GLY A 159 -16.13 -5.27 13.40
CA GLY A 159 -16.52 -6.63 13.06
C GLY A 159 -17.31 -6.79 11.78
N GLU A 160 -17.61 -5.67 11.12
CA GLU A 160 -18.29 -5.72 9.83
C GLU A 160 -17.31 -5.45 8.68
N ALA A 161 -16.03 -5.33 9.02
CA ALA A 161 -15.01 -4.94 8.04
C ALA A 161 -13.96 -6.02 7.82
N VAL A 162 -13.54 -6.15 6.57
CA VAL A 162 -12.46 -7.03 6.15
C VAL A 162 -11.25 -6.21 5.69
N MET A 163 -10.05 -6.57 6.14
CA MET A 163 -8.84 -5.93 5.63
C MET A 163 -8.05 -6.87 4.74
N VAL A 164 -7.61 -6.36 3.59
CA VAL A 164 -6.77 -7.12 2.67
C VAL A 164 -5.45 -6.38 2.46
N GLY A 165 -4.32 -7.03 2.77
CA GLY A 165 -3.02 -6.44 2.49
C GLY A 165 -1.95 -7.52 2.42
N ASP A 166 -0.75 -7.17 1.97
CA ASP A 166 0.30 -8.18 1.85
C ASP A 166 1.29 -8.20 3.02
N SER A 167 1.06 -7.37 4.05
CA SER A 167 1.96 -7.31 5.20
C SER A 167 1.36 -7.99 6.41
N LEU A 168 2.04 -9.04 6.88
CA LEU A 168 1.63 -9.73 8.10
C LEU A 168 1.60 -8.77 9.28
N SER A 169 2.63 -7.95 9.42
CA SER A 169 2.75 -7.08 10.59
C SER A 169 1.82 -5.89 10.51
N GLN A 170 1.72 -5.26 9.33
CA GLN A 170 0.93 -4.03 9.17
C GLN A 170 -0.55 -4.29 8.96
N ASP A 171 -0.84 -5.21 8.05
CA ASP A 171 -2.20 -5.39 7.59
C ASP A 171 -2.93 -6.45 8.42
N VAL A 172 -2.30 -7.61 8.59
CA VAL A 172 -3.00 -8.72 9.25
C VAL A 172 -3.06 -8.51 10.76
N TYR A 173 -1.90 -8.28 11.37
CA TYR A 173 -1.86 -7.96 12.80
C TYR A 173 -2.65 -6.68 13.10
N GLY A 174 -2.47 -5.64 12.30
CA GLY A 174 -3.17 -4.38 12.51
C GLY A 174 -4.69 -4.53 12.49
N ALA A 175 -5.20 -5.15 11.43
CA ALA A 175 -6.63 -5.35 11.31
C ALA A 175 -7.19 -6.27 12.40
N LYS A 176 -6.53 -7.41 12.65
CA LYS A 176 -7.02 -8.34 13.65
C LYS A 176 -7.08 -7.67 15.02
N SER A 177 -6.08 -6.83 15.32
CA SER A 177 -5.98 -6.21 16.64
C SER A 177 -7.15 -5.27 16.97
N VAL A 178 -7.86 -4.76 15.96
CA VAL A 178 -9.01 -3.92 16.25
C VAL A 178 -10.33 -4.65 15.98
N GLY A 179 -10.26 -5.95 15.74
CA GLY A 179 -11.46 -6.77 15.62
C GLY A 179 -12.00 -6.94 14.21
N MET A 180 -11.17 -6.64 13.21
CA MET A 180 -11.54 -6.89 11.82
C MET A 180 -11.22 -8.31 11.41
N THR A 181 -11.81 -8.73 10.29
CA THR A 181 -11.37 -9.95 9.62
C THR A 181 -10.13 -9.62 8.80
N ALA A 182 -9.13 -10.49 8.83
CA ALA A 182 -7.84 -10.19 8.20
C ALA A 182 -7.52 -11.16 7.08
N VAL A 183 -7.40 -10.62 5.87
CA VAL A 183 -7.05 -11.44 4.71
C VAL A 183 -5.65 -11.10 4.28
N TRP A 184 -4.81 -12.10 4.13
CA TRP A 184 -3.44 -11.86 3.66
C TRP A 184 -3.32 -12.21 2.18
N ILE A 185 -2.88 -11.26 1.36
CA ILE A 185 -2.66 -11.60 -0.04
C ILE A 185 -1.18 -11.89 -0.25
N ASN A 186 -0.93 -13.08 -0.78
CA ASN A 186 0.41 -13.66 -0.87
C ASN A 186 0.69 -13.96 -2.33
N ARG A 187 1.22 -12.98 -3.04
CA ARG A 187 1.43 -13.12 -4.49
C ARG A 187 2.72 -13.87 -4.83
N ASN A 188 3.65 -13.92 -3.88
CA ASN A 188 5.02 -14.36 -4.17
C ASN A 188 5.43 -15.66 -3.46
N GLY A 189 4.46 -16.44 -3.01
CA GLY A 189 4.74 -17.71 -2.38
C GLY A 189 5.49 -17.61 -1.06
N ASP A 190 5.22 -16.54 -0.31
CA ASP A 190 5.87 -16.32 0.98
C ASP A 190 5.27 -17.16 2.11
N ARG A 191 5.90 -17.08 3.27
CA ARG A 191 5.49 -17.83 4.45
C ARG A 191 4.44 -17.06 5.25
N GLY A 192 3.30 -17.66 5.55
CA GLY A 192 2.22 -16.97 6.23
C GLY A 192 2.18 -17.05 7.75
N TYR A 193 2.96 -17.95 8.33
CA TYR A 193 3.01 -18.12 9.78
C TYR A 193 1.67 -18.44 10.45
N ASN A 194 0.71 -18.96 9.68
CA ASN A 194 -0.59 -19.37 10.21
CA ASN A 194 -0.59 -19.36 10.24
C ASN A 194 -1.38 -18.22 10.87
N MET A 195 -1.09 -16.98 10.48
CA MET A 195 -1.74 -15.83 11.13
C MET A 195 -3.12 -15.47 10.59
N ALA A 196 -3.21 -15.17 9.30
CA ALA A 196 -4.42 -14.54 8.74
C ALA A 196 -5.65 -15.46 8.76
N ASP A 197 -6.83 -14.85 8.88
CA ASP A 197 -8.09 -15.60 8.78
C ASP A 197 -8.23 -16.30 7.43
N TYR A 198 -7.72 -15.67 6.38
CA TYR A 198 -7.67 -16.26 5.05
C TYR A 198 -6.38 -15.85 4.36
N GLU A 199 -5.83 -16.74 3.56
CA GLU A 199 -4.69 -16.41 2.71
CA GLU A 199 -4.69 -16.41 2.70
C GLU A 199 -5.09 -16.59 1.25
N ILE A 200 -4.83 -15.58 0.43
CA ILE A 200 -5.16 -15.65 -1.01
C ILE A 200 -3.94 -15.29 -1.86
N ARG A 201 -3.94 -15.80 -3.09
CA ARG A 201 -2.88 -15.50 -4.06
C ARG A 201 -3.30 -14.38 -4.98
N THR A 202 -4.61 -14.22 -5.10
CA THR A 202 -5.21 -13.25 -6.01
C THR A 202 -6.46 -12.63 -5.35
N LEU A 203 -6.78 -11.37 -5.66
CA LEU A 203 -7.95 -10.71 -5.08
C LEU A 203 -9.26 -11.40 -5.48
N TYR A 204 -9.21 -12.15 -6.58
CA TYR A 204 -10.40 -12.84 -7.06
C TYR A 204 -10.94 -13.83 -6.04
N GLU A 205 -10.06 -14.35 -5.18
CA GLU A 205 -10.47 -15.35 -4.20
C GLU A 205 -11.43 -14.78 -3.16
N LEU A 206 -11.53 -13.45 -3.06
CA LEU A 206 -12.48 -12.86 -2.12
C LEU A 206 -13.94 -13.27 -2.39
N ARG A 207 -14.30 -13.51 -3.65
CA ARG A 207 -15.68 -13.88 -3.98
C ARG A 207 -16.13 -15.14 -3.22
N LYS A 208 -15.31 -16.18 -3.23
CA LYS A 208 -15.66 -17.41 -2.54
C LYS A 208 -15.52 -17.30 -1.02
N ILE A 209 -14.71 -16.36 -0.54
CA ILE A 209 -14.60 -16.15 0.90
C ILE A 209 -15.83 -15.41 1.43
N LEU A 210 -16.22 -14.34 0.74
CA LEU A 210 -17.32 -13.51 1.18
C LEU A 210 -18.71 -14.07 0.80
N GLY A 211 -18.73 -14.95 -0.19
CA GLY A 211 -19.99 -15.48 -0.70
C GLY A 211 -20.60 -14.47 -1.65
N GLY A 212 -21.76 -14.80 -2.23
CA GLY A 212 -22.36 -13.95 -3.25
C GLY A 212 -23.49 -13.04 -2.82
N GLU A 213 -23.94 -13.18 -1.56
CA GLU A 213 -25.11 -12.43 -1.09
C GLU A 213 -24.83 -10.92 -1.01
N ARG A 214 -25.84 -10.12 -1.37
CA ARG A 214 -25.71 -8.66 -1.32
C ARG A 214 -25.69 -8.16 0.12
N VAL A 215 -25.20 -6.94 0.32
CA VAL A 215 -25.10 -6.36 1.67
C VAL A 215 -25.53 -4.89 1.72
O TBU B . 9.43 2.13 -0.87
C TBU B . 9.66 2.70 0.40
C1 TBU B . 11.15 2.84 0.64
C2 TBU B . 9.00 4.06 0.43
C3 TBU B . 9.06 1.80 1.46
#